data_5TS3
#
_entry.id   5TS3
#
_cell.length_a   83.070
_cell.length_b   105.620
_cell.length_c   126.040
_cell.angle_alpha   90.000
_cell.angle_beta   90.000
_cell.angle_gamma   90.000
#
_symmetry.space_group_name_H-M   'C 2 2 21'
#
loop_
_entity.id
_entity.type
_entity.pdbx_description
1 polymer 'Short-chain dehydrogenase/reductase SDR'
2 non-polymer NICOTINAMIDE-ADENINE-DINUCLEOTIDE
3 non-polymer 1,2-ETHANEDIOL
4 non-polymer '4-(2-HYDROXYETHYL)-1-PIPERAZINE ETHANESULFONIC ACID'
5 water water
#
_entity_poly.entity_id   1
_entity_poly.type   'polypeptide(L)'
_entity_poly.pdbx_seq_one_letter_code
;MAHHHHHHMELTEITPESLRLRPSHKERNVLITGAARGIGRAIAQAFVERSATVGICDLNLADVARTCEELNGLGLGRAV
PIACDVSDYDALVAAIDDTGLVFDTVVNNAGISPKHNGVAHKVWEMAPDEWRRVVDVNLTGTFNTIRALTPGMVEARRGW
IVNTSSVAGKTYSPIVACHYAATKSAIIGFTKHLAAELGPYSIRVNAMAPGRIATPMVAGVAPEVNAEQVKLTPMARLGQ
PAEVADVALWLTSTESSFVTGQTVDVAGGLYMA
;
_entity_poly.pdbx_strand_id   A,B
#
# COMPACT_ATOMS: atom_id res chain seq x y z
N MET A 9 5.89 22.25 -25.67
CA MET A 9 4.71 21.54 -26.13
C MET A 9 3.43 22.16 -25.57
N GLU A 10 2.56 22.63 -26.46
CA GLU A 10 1.34 23.32 -26.06
C GLU A 10 0.17 22.34 -25.91
N LEU A 11 -0.90 22.84 -25.29
CA LEU A 11 -2.13 22.06 -25.20
C LEU A 11 -2.79 21.94 -26.57
N THR A 12 -3.28 20.74 -26.86
CA THR A 12 -3.86 20.41 -28.16
C THR A 12 -5.35 20.11 -28.12
N GLU A 13 -5.88 19.62 -27.00
CA GLU A 13 -7.26 19.18 -26.88
C GLU A 13 -8.03 20.14 -25.98
N ILE A 14 -8.80 21.03 -26.57
CA ILE A 14 -9.52 22.07 -25.84
C ILE A 14 -11.00 21.72 -25.83
N THR A 15 -11.56 21.56 -24.63
CA THR A 15 -12.99 21.30 -24.52
C THR A 15 -13.76 22.61 -24.67
N PRO A 16 -14.74 22.67 -25.57
CA PRO A 16 -15.55 23.90 -25.69
C PRO A 16 -16.27 24.23 -24.40
N GLU A 17 -16.50 25.54 -24.19
CA GLU A 17 -17.11 26.01 -22.96
C GLU A 17 -18.48 25.38 -22.73
N SER A 18 -19.29 25.27 -23.79
CA SER A 18 -20.62 24.70 -23.66
C SER A 18 -20.58 23.28 -23.11
N LEU A 19 -19.53 22.53 -23.42
CA LEU A 19 -19.35 21.21 -22.82
C LEU A 19 -18.70 21.31 -21.45
N ARG A 20 -17.75 22.23 -21.28
CA ARG A 20 -17.03 22.35 -20.00
C ARG A 20 -17.99 22.63 -18.86
N LEU A 21 -19.02 23.44 -19.11
CA LEU A 21 -19.95 23.89 -18.09
C LEU A 21 -21.29 23.17 -18.10
N ARG A 22 -21.36 22.01 -18.77
CA ARG A 22 -22.61 21.24 -18.77
C ARG A 22 -22.93 20.75 -17.36
N PRO A 23 -24.20 20.73 -16.96
CA PRO A 23 -24.55 20.37 -15.56
C PRO A 23 -24.60 18.87 -15.33
N SER A 24 -23.48 18.19 -15.64
CA SER A 24 -23.42 16.74 -15.57
C SER A 24 -23.53 16.22 -14.14
N HIS A 25 -23.16 17.04 -13.16
CA HIS A 25 -23.11 16.58 -11.77
C HIS A 25 -24.08 17.39 -10.91
N LYS A 26 -25.14 17.91 -11.52
CA LYS A 26 -26.21 18.57 -10.78
C LYS A 26 -26.81 17.60 -9.76
N GLU A 27 -27.21 18.15 -8.62
CA GLU A 27 -27.82 17.36 -7.54
C GLU A 27 -26.86 16.31 -6.99
N ARG A 28 -25.57 16.61 -6.98
CA ARG A 28 -24.56 15.73 -6.40
C ARG A 28 -23.85 16.48 -5.29
N ASN A 29 -23.56 15.80 -4.18
CA ASN A 29 -22.81 16.34 -3.05
C ASN A 29 -21.46 15.61 -2.99
N VAL A 30 -20.38 16.33 -3.30
CA VAL A 30 -19.08 15.73 -3.58
C VAL A 30 -18.07 16.23 -2.56
N LEU A 31 -17.56 15.35 -1.71
CA LEU A 31 -16.51 15.69 -0.76
C LEU A 31 -15.15 15.59 -1.44
N ILE A 32 -14.35 16.65 -1.34
CA ILE A 32 -13.02 16.67 -1.97
C ILE A 32 -12.00 16.97 -0.89
N THR A 33 -11.07 16.04 -0.65
CA THR A 33 -10.05 16.31 0.36
C THR A 33 -8.82 16.95 -0.28
N GLY A 34 -8.13 17.79 0.51
CA GLY A 34 -7.02 18.55 -0.02
C GLY A 34 -7.45 19.57 -1.05
N ALA A 35 -8.62 20.18 -0.87
CA ALA A 35 -9.25 20.95 -1.93
C ALA A 35 -8.80 22.41 -1.98
N ALA A 36 -7.91 22.86 -1.09
CA ALA A 36 -7.59 24.29 -1.03
C ALA A 36 -6.36 24.69 -1.84
N ARG A 37 -5.67 23.73 -2.45
CA ARG A 37 -4.48 24.03 -3.24
C ARG A 37 -4.30 22.91 -4.25
N GLY A 38 -3.55 23.20 -5.32
CA GLY A 38 -3.06 22.13 -6.18
C GLY A 38 -4.15 21.41 -6.95
N ILE A 39 -3.95 20.10 -7.14
CA ILE A 39 -4.89 19.32 -7.92
C ILE A 39 -6.27 19.32 -7.28
N GLY A 40 -6.33 19.23 -5.94
CA GLY A 40 -7.62 19.24 -5.26
C GLY A 40 -8.41 20.50 -5.53
N ARG A 41 -7.73 21.65 -5.55
CA ARG A 41 -8.38 22.92 -5.89
C ARG A 41 -8.93 22.88 -7.32
N ALA A 42 -8.19 22.25 -8.25
CA ALA A 42 -8.70 22.14 -9.61
C ALA A 42 -9.87 21.15 -9.70
N ILE A 43 -9.82 20.08 -8.90
CA ILE A 43 -10.95 19.16 -8.85
C ILE A 43 -12.20 19.86 -8.31
N ALA A 44 -12.05 20.64 -7.24
CA ALA A 44 -13.19 21.42 -6.74
C ALA A 44 -13.74 22.36 -7.80
N GLN A 45 -12.85 23.06 -8.51
CA GLN A 45 -13.28 23.94 -9.59
C GLN A 45 -14.13 23.18 -10.60
N ALA A 46 -13.66 22.00 -11.02
CA ALA A 46 -14.34 21.25 -12.07
C ALA A 46 -15.72 20.78 -11.62
N PHE A 47 -15.83 20.26 -10.40
CA PHE A 47 -17.14 19.81 -9.94
C PHE A 47 -18.11 20.96 -9.80
N VAL A 48 -17.64 22.12 -9.33
CA VAL A 48 -18.52 23.29 -9.27
C VAL A 48 -18.96 23.72 -10.66
N GLU A 49 -18.04 23.66 -11.63
CA GLU A 49 -18.38 24.00 -13.02
C GLU A 49 -19.44 23.06 -13.58
N ARG A 50 -19.48 21.81 -13.10
CA ARG A 50 -20.49 20.84 -13.51
C ARG A 50 -21.74 20.84 -12.63
N SER A 51 -21.91 21.88 -11.82
CA SER A 51 -23.08 22.17 -10.97
C SER A 51 -23.18 21.29 -9.73
N ALA A 52 -22.13 20.59 -9.33
CA ALA A 52 -22.16 19.84 -8.08
C ALA A 52 -22.05 20.78 -6.89
N THR A 53 -22.56 20.34 -5.74
CA THR A 53 -22.20 20.93 -4.45
C THR A 53 -20.95 20.22 -3.94
N VAL A 54 -19.93 20.99 -3.54
CA VAL A 54 -18.65 20.42 -3.15
C VAL A 54 -18.37 20.75 -1.69
N GLY A 55 -17.86 19.76 -0.97
CA GLY A 55 -17.35 19.96 0.38
C GLY A 55 -15.86 20.16 0.30
N ILE A 56 -15.41 21.36 0.66
CA ILE A 56 -14.00 21.75 0.56
C ILE A 56 -13.31 21.31 1.85
N CYS A 57 -12.59 20.18 1.79
CA CYS A 57 -11.90 19.65 2.97
C CYS A 57 -10.41 19.96 2.87
N ASP A 58 -9.90 20.71 3.84
CA ASP A 58 -8.47 21.00 3.92
C ASP A 58 -8.19 21.44 5.36
N LEU A 59 -6.92 21.70 5.65
CA LEU A 59 -6.46 21.82 7.04
C LEU A 59 -6.82 23.17 7.67
N ASN A 60 -6.59 24.27 6.95
CA ASN A 60 -6.66 25.60 7.52
C ASN A 60 -8.01 26.26 7.20
N LEU A 61 -8.67 26.78 8.23
CA LEU A 61 -10.00 27.36 8.06
C LEU A 61 -9.99 28.52 7.07
N ALA A 62 -8.95 29.38 7.12
CA ALA A 62 -8.88 30.51 6.21
C ALA A 62 -8.71 30.05 4.77
N ASP A 63 -7.83 29.06 4.53
CA ASP A 63 -7.69 28.48 3.19
C ASP A 63 -9.00 27.90 2.69
N VAL A 64 -9.70 27.17 3.57
CA VAL A 64 -10.97 26.54 3.18
C VAL A 64 -12.01 27.60 2.87
N ALA A 65 -12.12 28.62 3.73
CA ALA A 65 -13.11 29.68 3.51
C ALA A 65 -12.81 30.47 2.25
N ARG A 66 -11.53 30.78 2.00
CA ARG A 66 -11.17 31.48 0.77
C ARG A 66 -11.58 30.68 -0.46
N THR A 67 -11.32 29.37 -0.43
CA THR A 67 -11.69 28.50 -1.54
C THR A 67 -13.19 28.52 -1.78
N CYS A 68 -13.98 28.41 -0.70
CA CYS A 68 -15.43 28.47 -0.86
C CYS A 68 -15.89 29.80 -1.45
N GLU A 69 -15.27 30.92 -1.01
CA GLU A 69 -15.66 32.21 -1.56
C GLU A 69 -15.35 32.29 -3.04
N GLU A 70 -14.16 31.82 -3.44
CA GLU A 70 -13.79 31.83 -4.85
C GLU A 70 -14.80 31.04 -5.68
N LEU A 71 -15.09 29.82 -5.24
CA LEU A 71 -15.94 28.92 -6.01
C LEU A 71 -17.38 29.42 -6.05
N ASN A 72 -17.89 29.90 -4.92
CA ASN A 72 -19.26 30.39 -4.90
C ASN A 72 -19.44 31.64 -5.74
N GLY A 73 -18.36 32.36 -6.04
CA GLY A 73 -18.46 33.50 -6.92
C GLY A 73 -18.73 33.15 -8.37
N LEU A 74 -18.62 31.87 -8.74
CA LEU A 74 -18.79 31.46 -10.13
C LEU A 74 -20.26 31.39 -10.56
N GLY A 75 -21.19 31.37 -9.60
CA GLY A 75 -22.59 31.27 -9.94
C GLY A 75 -22.98 29.94 -10.54
N LEU A 76 -22.23 28.88 -10.24
CA LEU A 76 -22.51 27.54 -10.77
C LEU A 76 -22.83 26.66 -9.57
N GLY A 77 -22.07 25.60 -9.32
CA GLY A 77 -22.25 24.78 -8.14
C GLY A 77 -21.96 25.54 -6.87
N ARG A 78 -22.14 24.89 -5.71
CA ARG A 78 -22.00 25.52 -4.42
C ARG A 78 -20.86 24.84 -3.65
N ALA A 79 -20.16 25.62 -2.83
CA ALA A 79 -19.05 25.10 -2.04
C ALA A 79 -19.31 25.35 -0.56
N VAL A 80 -19.08 24.32 0.26
CA VAL A 80 -19.26 24.42 1.72
C VAL A 80 -17.96 24.03 2.42
N PRO A 81 -17.65 24.65 3.57
CA PRO A 81 -16.36 24.42 4.22
C PRO A 81 -16.33 23.21 5.13
N ILE A 82 -15.23 22.45 5.02
CA ILE A 82 -14.99 21.28 5.86
C ILE A 82 -13.54 21.28 6.33
N ALA A 83 -13.20 22.15 7.27
CA ALA A 83 -11.81 22.28 7.71
C ALA A 83 -11.49 21.21 8.76
N CYS A 84 -10.57 20.31 8.42
CA CYS A 84 -10.15 19.25 9.33
C CYS A 84 -8.93 18.55 8.76
N ASP A 85 -8.31 17.75 9.61
CA ASP A 85 -7.22 16.84 9.24
C ASP A 85 -7.86 15.50 8.91
N VAL A 86 -7.75 15.07 7.65
CA VAL A 86 -8.42 13.83 7.22
C VAL A 86 -7.93 12.62 7.98
N SER A 87 -6.73 12.67 8.59
CA SER A 87 -6.25 11.53 9.36
C SER A 87 -6.91 11.40 10.73
N ASP A 88 -7.66 12.41 11.18
CA ASP A 88 -8.36 12.40 12.46
C ASP A 88 -9.81 12.02 12.17
N TYR A 89 -10.14 10.74 12.38
CA TYR A 89 -11.46 10.24 11.96
C TYR A 89 -12.58 11.00 12.65
N ASP A 90 -12.50 11.18 13.97
CA ASP A 90 -13.60 11.82 14.67
C ASP A 90 -13.76 13.29 14.24
N ALA A 91 -12.65 13.98 14.01
CA ALA A 91 -12.73 15.38 13.59
C ALA A 91 -13.29 15.49 12.19
N LEU A 92 -12.94 14.54 11.32
CA LEU A 92 -13.46 14.50 9.97
C LEU A 92 -14.97 14.30 9.97
N VAL A 93 -15.44 13.30 10.72
CA VAL A 93 -16.88 13.06 10.82
C VAL A 93 -17.60 14.30 11.34
N ALA A 94 -17.05 14.94 12.39
CA ALA A 94 -17.70 16.12 12.94
C ALA A 94 -17.78 17.25 11.92
N ALA A 95 -16.70 17.45 11.14
CA ALA A 95 -16.70 18.54 10.17
C ALA A 95 -17.63 18.24 9.01
N ILE A 96 -17.68 16.98 8.57
CA ILE A 96 -18.63 16.60 7.53
C ILE A 96 -20.06 16.86 8.00
N ASP A 97 -20.40 16.39 9.20
CA ASP A 97 -21.78 16.48 9.62
C ASP A 97 -22.19 17.90 9.98
N ASP A 98 -21.24 18.77 10.31
CA ASP A 98 -21.57 20.17 10.58
C ASP A 98 -22.15 20.85 9.35
N THR A 99 -21.85 20.36 8.15
CA THR A 99 -22.41 20.97 6.94
C THR A 99 -23.91 20.71 6.79
N GLY A 100 -24.45 19.69 7.47
CA GLY A 100 -25.82 19.30 7.27
C GLY A 100 -26.11 18.61 5.96
N LEU A 101 -25.08 18.26 5.19
CA LEU A 101 -25.24 17.59 3.90
C LEU A 101 -24.87 16.13 4.00
N VAL A 102 -25.47 15.33 3.12
CA VAL A 102 -25.11 13.93 2.92
C VAL A 102 -24.30 13.84 1.64
N PHE A 103 -23.08 13.34 1.73
CA PHE A 103 -22.18 13.29 0.57
C PHE A 103 -22.28 11.93 -0.11
N ASP A 104 -22.65 11.94 -1.39
CA ASP A 104 -22.76 10.72 -2.17
C ASP A 104 -21.45 10.35 -2.86
N THR A 105 -20.47 11.25 -2.87
CA THR A 105 -19.24 11.08 -3.60
C THR A 105 -18.10 11.59 -2.74
N VAL A 106 -16.95 10.92 -2.77
CA VAL A 106 -15.74 11.46 -2.19
C VAL A 106 -14.60 11.29 -3.18
N VAL A 107 -13.83 12.36 -3.37
CA VAL A 107 -12.56 12.32 -4.09
C VAL A 107 -11.47 12.52 -3.05
N ASN A 108 -10.74 11.43 -2.78
CA ASN A 108 -9.62 11.45 -1.85
C ASN A 108 -8.39 11.94 -2.57
N ASN A 109 -8.09 13.23 -2.41
CA ASN A 109 -6.93 13.84 -3.05
C ASN A 109 -5.86 14.29 -2.07
N ALA A 110 -6.22 14.54 -0.80
CA ALA A 110 -5.20 14.96 0.17
C ALA A 110 -4.05 13.97 0.22
N GLY A 111 -2.83 14.51 0.23
CA GLY A 111 -1.64 13.69 0.26
C GLY A 111 -0.44 14.55 0.55
N ILE A 112 0.60 13.95 1.12
CA ILE A 112 1.84 14.65 1.41
C ILE A 112 3.01 13.83 0.89
N SER A 113 4.10 14.54 0.58
CA SER A 113 5.33 13.92 0.07
C SER A 113 6.50 14.70 0.67
N PRO A 114 6.82 14.46 1.94
CA PRO A 114 7.79 15.30 2.63
C PRO A 114 9.18 15.18 2.03
N LYS A 115 9.88 16.31 2.00
CA LYS A 115 11.25 16.38 1.53
C LYS A 115 12.05 17.21 2.52
N HIS A 116 13.37 17.14 2.38
CA HIS A 116 14.30 17.83 3.26
C HIS A 116 15.30 18.58 2.39
N ASN A 117 15.27 19.91 2.47
CA ASN A 117 16.07 20.76 1.59
C ASN A 117 15.85 20.38 0.13
N GLY A 118 14.60 20.03 -0.20
CA GLY A 118 14.22 19.72 -1.55
C GLY A 118 14.48 18.29 -2.00
N VAL A 119 15.02 17.43 -1.14
CA VAL A 119 15.29 16.06 -1.54
C VAL A 119 14.57 15.10 -0.61
N ALA A 120 14.12 13.99 -1.18
CA ALA A 120 13.47 12.95 -0.39
C ALA A 120 14.52 12.17 0.39
N HIS A 121 14.22 11.87 1.65
CA HIS A 121 15.10 11.01 2.42
C HIS A 121 15.02 9.58 1.88
N LYS A 122 16.17 8.91 1.85
CA LYS A 122 16.26 7.50 1.50
C LYS A 122 15.80 6.64 2.67
N VAL A 123 15.51 5.37 2.38
CA VAL A 123 14.92 4.54 3.42
C VAL A 123 15.86 4.41 4.62
N TRP A 124 17.18 4.39 4.40
CA TRP A 124 18.11 4.18 5.50
C TRP A 124 18.30 5.40 6.39
N GLU A 125 17.74 6.55 6.00
CA GLU A 125 17.77 7.74 6.85
C GLU A 125 16.37 8.22 7.22
N MET A 126 15.33 7.43 6.92
CA MET A 126 13.96 7.87 7.11
C MET A 126 13.55 7.79 8.57
N ALA A 127 13.08 8.91 9.12
CA ALA A 127 12.58 8.90 10.48
C ALA A 127 11.28 8.10 10.56
N PRO A 128 11.17 7.15 11.49
CA PRO A 128 9.89 6.43 11.63
C PRO A 128 8.69 7.35 11.82
N ASP A 129 8.82 8.48 12.52
CA ASP A 129 7.65 9.34 12.69
CA ASP A 129 7.64 9.32 12.69
C ASP A 129 7.23 9.99 11.37
N GLU A 130 8.18 10.22 10.46
CA GLU A 130 7.83 10.76 9.16
C GLU A 130 7.11 9.71 8.32
N TRP A 131 7.66 8.50 8.28
CA TRP A 131 6.95 7.38 7.66
C TRP A 131 5.52 7.27 8.18
N ARG A 132 5.34 7.30 9.50
CA ARG A 132 4.01 7.08 10.06
CA ARG A 132 4.01 7.09 10.07
C ARG A 132 3.06 8.22 9.69
N ARG A 133 3.54 9.46 9.69
CA ARG A 133 2.67 10.57 9.32
C ARG A 133 2.21 10.45 7.87
N VAL A 134 3.12 10.09 6.97
CA VAL A 134 2.73 9.95 5.57
C VAL A 134 1.72 8.81 5.40
N VAL A 135 1.93 7.70 6.10
CA VAL A 135 0.95 6.62 6.07
C VAL A 135 -0.39 7.10 6.61
N ASP A 136 -0.37 7.85 7.71
CA ASP A 136 -1.61 8.32 8.34
CA ASP A 136 -1.62 8.27 8.31
C ASP A 136 -2.42 9.18 7.38
N VAL A 137 -1.74 10.11 6.68
CA VAL A 137 -2.45 11.03 5.80
C VAL A 137 -2.82 10.37 4.49
N ASN A 138 -1.83 9.76 3.81
CA ASN A 138 -2.03 9.34 2.43
C ASN A 138 -2.91 8.10 2.35
N LEU A 139 -2.75 7.18 3.30
CA LEU A 139 -3.46 5.92 3.28
C LEU A 139 -4.63 5.95 4.26
N THR A 140 -4.35 6.18 5.55
CA THR A 140 -5.45 6.10 6.51
C THR A 140 -6.45 7.26 6.33
N GLY A 141 -5.98 8.42 5.88
CA GLY A 141 -6.92 9.50 5.60
C GLY A 141 -7.91 9.13 4.50
N THR A 142 -7.45 8.38 3.50
CA THR A 142 -8.35 7.90 2.45
C THR A 142 -9.31 6.84 2.98
N PHE A 143 -8.83 5.90 3.80
CA PHE A 143 -9.77 5.00 4.50
C PHE A 143 -10.80 5.78 5.30
N ASN A 144 -10.36 6.85 5.99
CA ASN A 144 -11.25 7.52 6.95
C ASN A 144 -12.48 8.08 6.26
N THR A 145 -12.32 8.76 5.11
CA THR A 145 -13.49 9.30 4.43
C THR A 145 -14.39 8.17 3.95
N ILE A 146 -13.80 7.06 3.52
CA ILE A 146 -14.58 5.96 2.97
C ILE A 146 -15.36 5.27 4.09
N ARG A 147 -14.70 5.07 5.24
CA ARG A 147 -15.40 4.54 6.40
C ARG A 147 -16.53 5.47 6.84
N ALA A 148 -16.30 6.78 6.76
CA ALA A 148 -17.31 7.73 7.23
C ALA A 148 -18.54 7.73 6.32
N LEU A 149 -18.35 7.61 5.01
CA LEU A 149 -19.41 7.84 4.03
C LEU A 149 -20.06 6.56 3.51
N THR A 150 -19.38 5.41 3.55
CA THR A 150 -19.99 4.23 2.94
C THR A 150 -21.21 3.68 3.69
N PRO A 151 -21.38 3.84 5.01
CA PRO A 151 -22.67 3.42 5.60
C PRO A 151 -23.85 4.07 4.89
N GLY A 152 -23.77 5.37 4.64
CA GLY A 152 -24.86 6.05 3.93
C GLY A 152 -24.99 5.58 2.50
N MET A 153 -23.85 5.40 1.81
CA MET A 153 -23.87 4.95 0.42
C MET A 153 -24.49 3.56 0.31
N VAL A 154 -24.08 2.65 1.20
CA VAL A 154 -24.61 1.29 1.15
C VAL A 154 -26.11 1.29 1.39
N GLU A 155 -26.58 2.10 2.34
CA GLU A 155 -28.00 2.15 2.64
C GLU A 155 -28.80 2.69 1.46
N ALA A 156 -28.24 3.69 0.77
CA ALA A 156 -28.87 4.32 -0.39
C ALA A 156 -28.67 3.52 -1.67
N ARG A 157 -27.80 2.52 -1.65
CA ARG A 157 -27.36 1.81 -2.86
C ARG A 157 -26.94 2.82 -3.93
N ARG A 158 -26.12 3.79 -3.50
CA ARG A 158 -25.72 4.89 -4.37
C ARG A 158 -24.45 5.52 -3.81
N GLY A 159 -23.43 5.63 -4.64
CA GLY A 159 -22.22 6.28 -4.21
C GLY A 159 -21.10 6.14 -5.22
N TRP A 160 -20.15 7.08 -5.16
CA TRP A 160 -18.98 7.08 -6.04
C TRP A 160 -17.76 7.48 -5.22
N ILE A 161 -16.66 6.76 -5.41
CA ILE A 161 -15.41 7.05 -4.71
C ILE A 161 -14.30 7.11 -5.76
N VAL A 162 -13.46 8.14 -5.66
CA VAL A 162 -12.23 8.24 -6.45
C VAL A 162 -11.08 8.47 -5.49
N ASN A 163 -10.07 7.61 -5.56
CA ASN A 163 -8.87 7.76 -4.74
C ASN A 163 -7.72 8.26 -5.61
N THR A 164 -6.65 8.72 -4.96
CA THR A 164 -5.50 9.25 -5.70
C THR A 164 -4.26 8.41 -5.36
N SER A 165 -3.78 7.67 -6.37
CA SER A 165 -2.51 6.97 -6.30
C SER A 165 -1.43 7.86 -6.92
N SER A 166 -0.48 7.25 -7.62
CA SER A 166 0.58 7.97 -8.33
C SER A 166 1.29 6.93 -9.19
N VAL A 167 1.89 7.39 -10.31
CA VAL A 167 2.72 6.44 -11.06
C VAL A 167 3.84 5.90 -10.18
N ALA A 168 4.27 6.67 -9.16
CA ALA A 168 5.31 6.21 -8.24
C ALA A 168 4.85 5.08 -7.34
N GLY A 169 3.56 4.80 -7.29
CA GLY A 169 3.11 3.61 -6.58
C GLY A 169 3.24 2.32 -7.36
N LYS A 170 3.53 2.43 -8.67
CA LYS A 170 3.65 1.27 -9.54
C LYS A 170 5.05 1.07 -10.10
N THR A 171 5.87 2.11 -10.12
CA THR A 171 7.26 1.99 -10.52
C THR A 171 8.01 3.10 -9.82
N TYR A 172 9.34 3.06 -9.94
CA TYR A 172 10.17 3.94 -9.15
C TYR A 172 10.24 5.34 -9.75
N SER A 173 9.96 6.33 -8.91
CA SER A 173 10.28 7.70 -9.19
C SER A 173 11.38 8.17 -8.25
N PRO A 174 12.49 8.69 -8.77
CA PRO A 174 13.57 9.15 -7.90
C PRO A 174 13.25 10.44 -7.15
N ILE A 175 12.08 11.02 -7.39
CA ILE A 175 11.67 12.27 -6.77
CA ILE A 175 11.67 12.27 -6.77
C ILE A 175 10.97 12.06 -5.43
N VAL A 176 10.52 10.85 -5.13
CA VAL A 176 9.71 10.62 -3.93
C VAL A 176 10.45 9.70 -2.96
N ALA A 177 10.03 9.77 -1.70
CA ALA A 177 10.55 8.85 -0.70
C ALA A 177 9.69 7.58 -0.63
N CYS A 178 10.18 6.63 0.16
CA CYS A 178 9.59 5.29 0.16
C CYS A 178 8.20 5.27 0.79
N HIS A 179 7.93 6.15 1.77
CA HIS A 179 6.59 6.19 2.33
C HIS A 179 5.57 6.61 1.28
N TYR A 180 5.90 7.60 0.47
CA TYR A 180 5.01 8.00 -0.61
C TYR A 180 4.73 6.83 -1.56
N ALA A 181 5.79 6.14 -2.01
CA ALA A 181 5.59 5.03 -2.93
C ALA A 181 4.72 3.94 -2.30
N ALA A 182 4.97 3.61 -1.04
CA ALA A 182 4.22 2.55 -0.39
C ALA A 182 2.75 2.94 -0.23
N THR A 183 2.48 4.18 0.18
CA THR A 183 1.07 4.57 0.37
C THR A 183 0.35 4.64 -0.97
N LYS A 184 1.02 5.11 -2.02
CA LYS A 184 0.32 5.21 -3.30
C LYS A 184 0.11 3.81 -3.90
N SER A 185 1.06 2.89 -3.67
CA SER A 185 0.85 1.49 -4.04
C SER A 185 -0.33 0.89 -3.29
N ALA A 186 -0.46 1.19 -2.00
CA ALA A 186 -1.57 0.68 -1.19
C ALA A 186 -2.91 1.01 -1.83
N ILE A 187 -3.04 2.24 -2.35
CA ILE A 187 -4.31 2.72 -2.90
C ILE A 187 -4.81 1.81 -4.02
N ILE A 188 -3.89 1.26 -4.82
CA ILE A 188 -4.29 0.49 -6.00
C ILE A 188 -5.06 -0.76 -5.58
N GLY A 189 -4.47 -1.58 -4.71
CA GLY A 189 -5.17 -2.79 -4.28
C GLY A 189 -6.31 -2.51 -3.34
N PHE A 190 -6.18 -1.47 -2.51
CA PHE A 190 -7.28 -1.00 -1.68
C PHE A 190 -8.51 -0.68 -2.54
N THR A 191 -8.27 0.02 -3.66
CA THR A 191 -9.36 0.40 -4.57
C THR A 191 -10.03 -0.83 -5.20
N LYS A 192 -9.25 -1.84 -5.60
CA LYS A 192 -9.86 -3.06 -6.11
C LYS A 192 -10.71 -3.73 -5.05
N HIS A 193 -10.16 -3.88 -3.84
CA HIS A 193 -10.89 -4.54 -2.77
C HIS A 193 -12.18 -3.82 -2.45
N LEU A 194 -12.10 -2.49 -2.31
CA LEU A 194 -13.31 -1.70 -2.05
C LEU A 194 -14.34 -1.86 -3.17
N ALA A 195 -13.89 -1.86 -4.43
CA ALA A 195 -14.82 -2.03 -5.53
C ALA A 195 -15.60 -3.33 -5.40
N ALA A 196 -14.93 -4.38 -4.92
CA ALA A 196 -15.61 -5.67 -4.80
C ALA A 196 -16.59 -5.66 -3.63
N GLU A 197 -16.22 -5.02 -2.52
CA GLU A 197 -17.12 -4.99 -1.36
C GLU A 197 -18.34 -4.14 -1.63
N LEU A 198 -18.16 -3.04 -2.37
CA LEU A 198 -19.22 -2.04 -2.50
C LEU A 198 -20.03 -2.20 -3.78
N GLY A 199 -19.49 -2.90 -4.78
CA GLY A 199 -20.21 -3.16 -6.00
C GLY A 199 -21.61 -3.74 -5.85
N PRO A 200 -21.84 -4.67 -4.92
CA PRO A 200 -23.20 -5.24 -4.78
C PRO A 200 -24.26 -4.20 -4.48
N TYR A 201 -23.85 -3.04 -3.98
CA TYR A 201 -24.74 -1.94 -3.67
C TYR A 201 -24.68 -0.85 -4.74
N SER A 202 -24.12 -1.20 -5.91
CA SER A 202 -24.02 -0.34 -7.08
CA SER A 202 -24.02 -0.34 -7.09
C SER A 202 -23.08 0.85 -6.88
N ILE A 203 -22.22 0.79 -5.90
CA ILE A 203 -21.24 1.84 -5.61
C ILE A 203 -19.96 1.52 -6.38
N ARG A 204 -19.40 2.51 -7.07
CA ARG A 204 -18.18 2.34 -7.83
C ARG A 204 -17.00 3.04 -7.16
N VAL A 205 -15.83 2.43 -7.28
CA VAL A 205 -14.60 2.87 -6.62
C VAL A 205 -13.47 2.78 -7.63
N ASN A 206 -12.86 3.92 -7.95
CA ASN A 206 -11.72 3.94 -8.87
C ASN A 206 -10.64 4.84 -8.30
N ALA A 207 -9.49 4.83 -8.97
CA ALA A 207 -8.36 5.64 -8.54
C ALA A 207 -7.69 6.27 -9.76
N MET A 208 -7.04 7.41 -9.51
CA MET A 208 -6.22 8.09 -10.51
C MET A 208 -4.77 8.01 -10.08
N ALA A 209 -3.87 7.82 -11.03
CA ALA A 209 -2.43 7.81 -10.75
C ALA A 209 -1.76 8.88 -11.59
N PRO A 210 -1.75 10.13 -11.12
CA PRO A 210 -1.11 11.20 -11.90
C PRO A 210 0.39 10.97 -12.04
N GLY A 211 0.95 11.52 -13.11
CA GLY A 211 2.39 11.47 -13.32
C GLY A 211 3.08 12.69 -12.75
N ARG A 212 3.38 13.66 -13.61
N ARG A 212 3.29 13.68 -13.62
CA ARG A 212 3.96 14.94 -13.18
CA ARG A 212 3.96 14.94 -13.31
C ARG A 212 3.02 16.04 -13.62
C ARG A 212 3.00 16.08 -13.66
N ILE A 213 2.40 16.71 -12.66
CA ILE A 213 1.37 17.72 -12.90
C ILE A 213 1.94 19.09 -12.55
N ALA A 214 1.60 20.08 -13.35
CA ALA A 214 2.01 21.47 -13.12
C ALA A 214 1.33 21.96 -11.85
N THR A 215 2.05 21.91 -10.75
CA THR A 215 1.55 22.18 -9.40
C THR A 215 2.65 22.89 -8.62
N PRO A 216 2.36 23.43 -7.44
CA PRO A 216 3.43 24.06 -6.64
C PRO A 216 4.61 23.14 -6.38
N MET A 217 4.40 21.83 -6.30
CA MET A 217 5.51 20.91 -6.08
C MET A 217 6.61 21.03 -7.14
N VAL A 218 6.29 21.57 -8.32
CA VAL A 218 7.28 21.63 -9.40
C VAL A 218 8.46 22.50 -9.01
N ALA A 219 8.20 23.61 -8.31
CA ALA A 219 9.29 24.50 -7.92
C ALA A 219 10.23 23.83 -6.92
N GLY A 220 9.73 22.89 -6.11
CA GLY A 220 10.57 22.19 -5.16
C GLY A 220 11.49 21.15 -5.78
N VAL A 221 11.22 20.75 -7.01
CA VAL A 221 12.04 19.79 -7.73
C VAL A 221 13.11 20.55 -8.50
N ALA A 222 14.34 20.04 -8.46
CA ALA A 222 15.45 20.71 -9.12
C ALA A 222 15.16 20.88 -10.61
N PRO A 223 15.51 22.01 -11.20
CA PRO A 223 15.11 22.27 -12.59
C PRO A 223 15.61 21.22 -13.56
N GLU A 224 16.84 20.71 -13.35
CA GLU A 224 17.33 19.63 -14.19
C GLU A 224 16.47 18.39 -14.07
N VAL A 225 15.91 18.14 -12.88
CA VAL A 225 15.07 16.95 -12.69
C VAL A 225 13.75 17.11 -13.42
N ASN A 226 13.11 18.27 -13.27
CA ASN A 226 11.87 18.53 -14.02
C ASN A 226 12.12 18.45 -15.52
N ALA A 227 13.24 19.00 -15.99
CA ALA A 227 13.59 18.88 -17.40
C ALA A 227 13.69 17.42 -17.82
N GLU A 228 14.36 16.60 -17.01
CA GLU A 228 14.52 15.19 -17.35
C GLU A 228 13.18 14.47 -17.32
N GLN A 229 12.31 14.82 -16.36
CA GLN A 229 11.00 14.18 -16.28
C GLN A 229 10.15 14.50 -17.49
N VAL A 230 10.19 15.77 -17.94
CA VAL A 230 9.47 16.12 -19.15
C VAL A 230 10.04 15.37 -20.35
N LYS A 231 11.37 15.23 -20.41
CA LYS A 231 12.00 14.40 -21.44
C LYS A 231 11.55 12.95 -21.36
N LEU A 232 11.30 12.44 -20.15
CA LEU A 232 10.80 11.08 -19.99
C LEU A 232 9.30 10.96 -20.25
N THR A 233 8.61 12.06 -20.59
CA THR A 233 7.17 12.04 -20.83
C THR A 233 6.92 12.05 -22.33
N PRO A 234 6.35 10.98 -22.90
CA PRO A 234 6.06 10.96 -24.34
C PRO A 234 5.32 12.20 -24.84
N MET A 235 4.30 12.67 -24.11
CA MET A 235 3.55 13.83 -24.57
C MET A 235 4.28 15.15 -24.33
N ALA A 236 5.48 15.11 -23.73
CA ALA A 236 6.45 16.19 -23.81
C ALA A 236 6.04 17.44 -23.04
N ARG A 237 5.27 17.26 -21.96
CA ARG A 237 4.86 18.39 -21.12
C ARG A 237 4.42 17.84 -19.78
N LEU A 238 4.34 18.76 -18.80
CA LEU A 238 3.64 18.47 -17.56
C LEU A 238 2.14 18.39 -17.82
N GLY A 239 1.44 17.59 -17.01
CA GLY A 239 -0.01 17.60 -17.05
C GLY A 239 -0.56 18.85 -16.37
N GLN A 240 -1.76 19.25 -16.77
CA GLN A 240 -2.44 20.35 -16.08
C GLN A 240 -3.36 19.82 -14.99
N PRO A 241 -3.48 20.51 -13.85
CA PRO A 241 -4.44 20.08 -12.82
C PRO A 241 -5.85 19.84 -13.37
N ALA A 242 -6.30 20.66 -14.31
CA ALA A 242 -7.64 20.46 -14.86
C ALA A 242 -7.78 19.15 -15.61
N GLU A 243 -6.67 18.59 -16.11
CA GLU A 243 -6.74 17.31 -16.80
C GLU A 243 -6.95 16.17 -15.82
N VAL A 244 -6.34 16.26 -14.64
CA VAL A 244 -6.68 15.28 -13.60
C VAL A 244 -8.13 15.45 -13.18
N ALA A 245 -8.59 16.71 -13.05
CA ALA A 245 -9.96 16.94 -12.64
C ALA A 245 -10.95 16.35 -13.64
N ASP A 246 -10.63 16.40 -14.94
CA ASP A 246 -11.52 15.80 -15.95
C ASP A 246 -11.70 14.31 -15.72
N VAL A 247 -10.64 13.63 -15.27
CA VAL A 247 -10.73 12.20 -15.02
C VAL A 247 -11.61 11.95 -13.80
N ALA A 248 -11.47 12.77 -12.75
CA ALA A 248 -12.32 12.60 -11.57
C ALA A 248 -13.78 12.86 -11.90
N LEU A 249 -14.07 13.86 -12.73
CA LEU A 249 -15.43 14.09 -13.18
C LEU A 249 -15.97 12.85 -13.89
N TRP A 250 -15.19 12.27 -14.80
CA TRP A 250 -15.69 11.16 -15.59
C TRP A 250 -15.92 9.93 -14.73
N LEU A 251 -14.98 9.64 -13.83
CA LEU A 251 -15.08 8.45 -12.97
C LEU A 251 -16.24 8.55 -11.98
N THR A 252 -16.78 9.74 -11.75
CA THR A 252 -17.93 9.92 -10.87
C THR A 252 -19.20 10.18 -11.65
N SER A 253 -19.16 10.03 -12.98
CA SER A 253 -20.28 10.34 -13.85
C SER A 253 -20.96 9.07 -14.33
N THR A 254 -22.17 9.25 -14.85
CA THR A 254 -22.92 8.12 -15.42
C THR A 254 -22.26 7.55 -16.67
N GLU A 255 -21.25 8.21 -17.24
CA GLU A 255 -20.60 7.72 -18.45
C GLU A 255 -19.41 6.80 -18.16
N SER A 256 -19.22 6.41 -16.91
CA SER A 256 -18.30 5.33 -16.54
C SER A 256 -19.04 4.27 -15.73
N SER A 257 -20.32 4.04 -16.06
CA SER A 257 -21.22 3.31 -15.17
C SER A 257 -20.88 1.83 -14.97
N PHE A 258 -20.02 1.23 -15.81
CA PHE A 258 -19.60 -0.14 -15.54
C PHE A 258 -18.10 -0.22 -15.21
N VAL A 259 -17.47 0.91 -14.90
CA VAL A 259 -16.03 0.97 -14.62
C VAL A 259 -15.83 1.02 -13.11
N THR A 260 -15.19 0.00 -12.54
CA THR A 260 -14.92 0.04 -11.12
C THR A 260 -13.66 -0.77 -10.82
N GLY A 261 -12.98 -0.39 -9.73
CA GLY A 261 -11.75 -1.02 -9.30
C GLY A 261 -10.51 -0.58 -10.05
N GLN A 262 -10.63 0.37 -10.96
CA GLN A 262 -9.55 0.70 -11.88
C GLN A 262 -8.66 1.79 -11.32
N THR A 263 -7.37 1.72 -11.68
CA THR A 263 -6.44 2.83 -11.46
C THR A 263 -6.02 3.33 -12.82
N VAL A 264 -6.39 4.56 -13.14
CA VAL A 264 -6.12 5.17 -14.44
C VAL A 264 -4.98 6.16 -14.27
N ASP A 265 -3.85 5.94 -14.96
CA ASP A 265 -2.77 6.92 -14.91
C ASP A 265 -3.18 8.19 -15.64
N VAL A 266 -2.78 9.33 -15.09
CA VAL A 266 -2.98 10.61 -15.79
C VAL A 266 -1.60 11.25 -15.92
N ALA A 267 -0.85 10.83 -16.96
CA ALA A 267 0.60 11.01 -16.91
C ALA A 267 1.24 11.22 -18.27
N GLY A 268 0.48 11.29 -19.36
CA GLY A 268 1.06 11.57 -20.66
C GLY A 268 2.09 10.57 -21.13
N GLY A 269 2.06 9.35 -20.60
CA GLY A 269 3.00 8.31 -20.96
C GLY A 269 4.21 8.18 -20.05
N LEU A 270 4.34 9.04 -19.05
CA LEU A 270 5.48 8.96 -18.14
C LEU A 270 5.35 7.76 -17.21
N TYR A 271 6.40 6.95 -17.13
CA TYR A 271 6.48 5.87 -16.13
C TYR A 271 5.29 4.92 -16.23
N MET A 272 5.01 4.44 -17.44
CA MET A 272 3.89 3.52 -17.62
C MET A 272 4.19 2.17 -16.99
N ALA A 273 3.18 1.64 -16.30
CA ALA A 273 3.29 0.34 -15.67
C ALA A 273 1.89 -0.20 -15.40
N HIS B 6 -12.36 -34.94 -2.23
CA HIS B 6 -12.44 -34.82 -3.68
C HIS B 6 -11.77 -33.54 -4.15
N HIS B 7 -11.02 -32.89 -3.26
CA HIS B 7 -10.44 -31.59 -3.53
C HIS B 7 -8.93 -31.67 -3.74
N HIS B 8 -8.17 -32.10 -2.73
CA HIS B 8 -6.73 -31.85 -2.67
C HIS B 8 -5.93 -32.90 -3.43
N MET B 9 -5.03 -32.41 -4.29
CA MET B 9 -4.03 -33.24 -4.97
C MET B 9 -2.86 -33.55 -4.03
N GLU B 10 -2.17 -34.65 -4.32
CA GLU B 10 -0.97 -35.00 -3.58
C GLU B 10 0.22 -34.17 -4.06
N LEU B 11 1.25 -34.10 -3.22
CA LEU B 11 2.47 -33.42 -3.61
C LEU B 11 3.19 -34.21 -4.70
N THR B 12 3.68 -33.49 -5.70
CA THR B 12 4.26 -34.10 -6.89
C THR B 12 5.75 -33.84 -7.05
N GLU B 13 6.29 -32.79 -6.42
CA GLU B 13 7.68 -32.37 -6.62
C GLU B 13 8.40 -32.44 -5.28
N ILE B 14 9.21 -33.48 -5.10
CA ILE B 14 9.88 -33.75 -3.84
C ILE B 14 11.37 -33.45 -4.01
N THR B 15 11.87 -32.50 -3.24
CA THR B 15 13.31 -32.23 -3.26
C THR B 15 14.05 -33.33 -2.49
N PRO B 16 15.08 -33.93 -3.07
CA PRO B 16 15.86 -34.94 -2.33
C PRO B 16 16.55 -34.33 -1.11
N GLU B 17 16.71 -35.16 -0.08
CA GLU B 17 17.32 -34.71 1.17
C GLU B 17 18.70 -34.10 0.95
N SER B 18 19.50 -34.71 0.08
CA SER B 18 20.85 -34.20 -0.17
C SER B 18 20.82 -32.76 -0.65
N LEU B 19 19.83 -32.40 -1.44
CA LEU B 19 19.70 -31.03 -1.93
C LEU B 19 18.97 -30.13 -0.95
N ARG B 20 18.03 -30.68 -0.18
CA ARG B 20 17.32 -29.87 0.81
C ARG B 20 18.28 -29.29 1.85
N LEU B 21 19.34 -30.03 2.20
CA LEU B 21 20.22 -29.67 3.30
C LEU B 21 21.56 -29.11 2.83
N ARG B 22 21.67 -28.68 1.58
CA ARG B 22 22.92 -28.11 1.09
C ARG B 22 23.21 -26.80 1.82
N PRO B 23 24.47 -26.50 2.14
CA PRO B 23 24.81 -25.28 2.88
C PRO B 23 24.78 -24.01 2.04
N SER B 24 23.66 -23.80 1.34
CA SER B 24 23.55 -22.69 0.40
C SER B 24 23.63 -21.34 1.10
N HIS B 25 23.26 -21.26 2.38
CA HIS B 25 23.21 -20.00 3.10
C HIS B 25 24.14 -20.00 4.30
N LYS B 26 25.22 -20.79 4.22
CA LYS B 26 26.26 -20.77 5.25
C LYS B 26 26.82 -19.36 5.38
N GLU B 27 27.11 -18.97 6.62
CA GLU B 27 27.70 -17.68 6.98
C GLU B 27 26.76 -16.51 6.70
N ARG B 28 25.46 -16.75 6.65
CA ARG B 28 24.47 -15.70 6.51
C ARG B 28 23.72 -15.53 7.84
N ASN B 29 23.38 -14.28 8.17
CA ASN B 29 22.58 -13.94 9.34
C ASN B 29 21.25 -13.38 8.85
N VAL B 30 20.17 -14.11 9.12
CA VAL B 30 18.87 -13.87 8.50
C VAL B 30 17.84 -13.60 9.60
N LEU B 31 17.30 -12.38 9.62
CA LEU B 31 16.22 -12.03 10.52
C LEU B 31 14.88 -12.44 9.91
N ILE B 32 14.07 -13.20 10.65
CA ILE B 32 12.76 -13.61 10.15
C ILE B 32 11.72 -13.13 11.14
N THR B 33 10.80 -12.27 10.69
CA THR B 33 9.74 -11.83 11.57
C THR B 33 8.53 -12.77 11.47
N GLY B 34 7.77 -12.86 12.56
CA GLY B 34 6.68 -13.82 12.60
C GLY B 34 7.14 -15.26 12.57
N ALA B 35 8.29 -15.55 13.15
CA ALA B 35 8.98 -16.84 12.97
C ALA B 35 8.51 -17.93 13.92
N ALA B 36 7.62 -17.65 14.87
CA ALA B 36 7.29 -18.65 15.88
C ALA B 36 6.28 -19.68 15.41
N ARG B 37 5.52 -19.41 14.34
CA ARG B 37 4.55 -20.37 13.85
C ARG B 37 4.28 -20.10 12.38
N GLY B 38 3.52 -21.01 11.77
CA GLY B 38 3.00 -20.78 10.42
C GLY B 38 4.10 -20.73 9.37
N ILE B 39 3.91 -19.86 8.37
CA ILE B 39 4.89 -19.74 7.31
C ILE B 39 6.24 -19.29 7.86
N GLY B 40 6.23 -18.33 8.78
CA GLY B 40 7.49 -17.83 9.33
C GLY B 40 8.30 -18.92 10.00
N ARG B 41 7.63 -19.81 10.73
CA ARG B 41 8.33 -20.93 11.35
C ARG B 41 8.95 -21.84 10.29
N ALA B 42 8.26 -22.04 9.17
CA ALA B 42 8.79 -22.89 8.11
C ALA B 42 9.93 -22.20 7.37
N ILE B 43 9.84 -20.88 7.21
CA ILE B 43 10.96 -20.11 6.66
C ILE B 43 12.19 -20.25 7.56
N ALA B 44 11.99 -20.12 8.87
CA ALA B 44 13.11 -20.30 9.80
C ALA B 44 13.70 -21.70 9.69
N GLN B 45 12.85 -22.72 9.65
CA GLN B 45 13.32 -24.09 9.48
C GLN B 45 14.19 -24.21 8.22
N ALA B 46 13.73 -23.63 7.11
CA ALA B 46 14.43 -23.79 5.85
C ALA B 46 15.81 -23.13 5.88
N PHE B 47 15.90 -21.92 6.43
CA PHE B 47 17.18 -21.23 6.49
C PHE B 47 18.16 -21.98 7.40
N VAL B 48 17.68 -22.52 8.52
CA VAL B 48 18.55 -23.31 9.38
C VAL B 48 19.03 -24.56 8.64
N GLU B 49 18.13 -25.19 7.87
CA GLU B 49 18.51 -26.36 7.08
C GLU B 49 19.58 -26.03 6.06
N ARG B 50 19.62 -24.78 5.59
CA ARG B 50 20.64 -24.33 4.66
C ARG B 50 21.85 -23.72 5.37
N SER B 51 21.96 -23.93 6.68
CA SER B 51 23.12 -23.58 7.50
C SER B 51 23.23 -22.08 7.80
N ALA B 52 22.15 -21.33 7.65
CA ALA B 52 22.16 -19.94 8.05
C ALA B 52 21.98 -19.82 9.56
N THR B 53 22.39 -18.68 10.11
CA THR B 53 22.01 -18.26 11.46
C THR B 53 20.76 -17.41 11.33
N VAL B 54 19.73 -17.72 12.12
CA VAL B 54 18.44 -17.06 11.97
C VAL B 54 18.08 -16.34 13.25
N GLY B 55 17.54 -15.13 13.10
CA GLY B 55 16.95 -14.42 14.22
C GLY B 55 15.46 -14.68 14.25
N ILE B 56 14.99 -15.29 15.33
CA ILE B 56 13.59 -15.71 15.46
C ILE B 56 12.84 -14.55 16.10
N CYS B 57 12.16 -13.76 15.28
CA CYS B 57 11.47 -12.56 15.76
C CYS B 57 9.97 -12.84 15.86
N ASP B 58 9.41 -12.73 17.06
CA ASP B 58 7.98 -12.90 17.23
C ASP B 58 7.61 -12.27 18.57
N LEU B 59 6.31 -12.31 18.89
CA LEU B 59 5.77 -11.53 20.02
C LEU B 59 6.08 -12.15 21.38
N ASN B 60 5.93 -13.47 21.52
CA ASN B 60 5.94 -14.11 22.84
C ASN B 60 7.29 -14.77 23.08
N LEU B 61 7.95 -14.39 24.19
CA LEU B 61 9.30 -14.88 24.44
C LEU B 61 9.33 -16.39 24.59
N ALA B 62 8.33 -16.96 25.26
CA ALA B 62 8.29 -18.41 25.44
C ALA B 62 8.16 -19.12 24.10
N ASP B 63 7.32 -18.60 23.20
CA ASP B 63 7.21 -19.21 21.88
CA ASP B 63 7.20 -19.19 21.86
C ASP B 63 8.51 -19.06 21.10
N VAL B 64 9.14 -17.90 21.19
CA VAL B 64 10.40 -17.66 20.50
C VAL B 64 11.49 -18.57 21.04
N ALA B 65 11.56 -18.72 22.37
CA ALA B 65 12.57 -19.58 22.97
C ALA B 65 12.36 -21.04 22.58
N ARG B 66 11.10 -21.49 22.60
CA ARG B 66 10.83 -22.86 22.18
C ARG B 66 11.24 -23.09 20.73
N THR B 67 10.92 -22.13 19.85
CA THR B 67 11.30 -22.26 18.46
C THR B 67 12.81 -22.36 18.29
N CYS B 68 13.56 -21.52 19.02
CA CYS B 68 15.01 -21.58 18.95
C CYS B 68 15.53 -22.93 19.42
N GLU B 69 14.94 -23.47 20.51
CA GLU B 69 15.39 -24.76 21.01
C GLU B 69 15.14 -25.87 19.99
N GLU B 70 13.97 -25.85 19.35
CA GLU B 70 13.64 -26.86 18.35
C GLU B 70 14.60 -26.79 17.16
N LEU B 71 14.85 -25.58 16.65
CA LEU B 71 15.71 -25.42 15.49
C LEU B 71 17.16 -25.80 15.81
N ASN B 72 17.65 -25.37 16.98
CA ASN B 72 19.03 -25.67 17.32
C ASN B 72 19.26 -27.16 17.55
N GLY B 73 18.22 -27.92 17.85
CA GLY B 73 18.36 -29.35 17.96
C GLY B 73 18.59 -30.07 16.65
N LEU B 74 18.47 -29.35 15.52
CA LEU B 74 18.68 -29.96 14.21
C LEU B 74 20.14 -30.16 13.86
N GLY B 75 21.05 -29.49 14.58
CA GLY B 75 22.47 -29.66 14.31
C GLY B 75 22.95 -29.06 13.01
N LEU B 76 22.20 -28.10 12.45
CA LEU B 76 22.61 -27.44 11.22
C LEU B 76 22.87 -25.96 11.49
N GLY B 77 22.00 -25.08 10.99
CA GLY B 77 22.11 -23.68 11.31
C GLY B 77 21.82 -23.41 12.79
N ARG B 78 21.90 -22.14 13.16
CA ARG B 78 21.71 -21.69 14.53
C ARG B 78 20.57 -20.69 14.61
N ALA B 79 19.85 -20.69 15.73
CA ALA B 79 18.70 -19.82 15.93
C ALA B 79 18.85 -19.01 17.22
N VAL B 80 18.60 -17.70 17.13
CA VAL B 80 18.70 -16.81 18.29
C VAL B 80 17.38 -16.08 18.51
N PRO B 81 17.01 -15.78 19.75
CA PRO B 81 15.69 -15.20 20.03
C PRO B 81 15.63 -13.68 19.91
N ILE B 82 14.54 -13.21 19.31
CA ILE B 82 14.27 -11.78 19.15
C ILE B 82 12.80 -11.49 19.44
N ALA B 83 12.44 -11.43 20.73
CA ALA B 83 11.05 -11.27 21.14
C ALA B 83 10.70 -9.78 21.17
N CYS B 84 9.80 -9.36 20.29
CA CYS B 84 9.37 -7.96 20.24
C CYS B 84 8.17 -7.85 19.31
N ASP B 85 7.48 -6.71 19.41
CA ASP B 85 6.45 -6.29 18.47
C ASP B 85 7.14 -5.52 17.34
N VAL B 86 7.08 -6.05 16.12
CA VAL B 86 7.82 -5.44 15.02
C VAL B 86 7.31 -4.04 14.69
N SER B 87 6.10 -3.69 15.11
CA SER B 87 5.58 -2.35 14.86
C SER B 87 6.20 -1.30 15.79
N ASP B 88 6.91 -1.73 16.83
CA ASP B 88 7.55 -0.83 17.80
C ASP B 88 9.02 -0.71 17.41
N TYR B 89 9.38 0.38 16.72
CA TYR B 89 10.71 0.50 16.15
C TYR B 89 11.79 0.43 17.24
N ASP B 90 11.62 1.19 18.32
CA ASP B 90 12.64 1.21 19.36
C ASP B 90 12.80 -0.16 20.01
N ALA B 91 11.69 -0.87 20.26
CA ALA B 91 11.80 -2.19 20.85
C ALA B 91 12.46 -3.17 19.89
N LEU B 92 12.12 -3.07 18.61
CA LEU B 92 12.75 -3.92 17.59
C LEU B 92 14.26 -3.70 17.56
N VAL B 93 14.69 -2.43 17.48
CA VAL B 93 16.13 -2.14 17.42
C VAL B 93 16.83 -2.67 18.67
N ALA B 94 16.23 -2.48 19.84
CA ALA B 94 16.85 -2.96 21.08
C ALA B 94 16.97 -4.48 21.07
N ALA B 95 15.95 -5.18 20.59
CA ALA B 95 15.99 -6.63 20.58
C ALA B 95 17.01 -7.14 19.57
N ILE B 96 17.11 -6.49 18.42
CA ILE B 96 18.16 -6.85 17.47
C ILE B 96 19.54 -6.61 18.08
N ASP B 97 19.74 -5.42 18.65
CA ASP B 97 21.04 -5.09 19.25
C ASP B 97 21.45 -6.11 20.30
N ASP B 98 20.48 -6.62 21.06
CA ASP B 98 20.80 -7.54 22.15
C ASP B 98 21.34 -8.88 21.65
N THR B 99 21.07 -9.24 20.40
CA THR B 99 21.63 -10.49 19.86
C THR B 99 23.12 -10.37 19.58
N GLY B 100 23.63 -9.16 19.37
CA GLY B 100 25.01 -8.99 18.96
C GLY B 100 25.30 -9.40 17.54
N LEU B 101 24.29 -9.72 16.75
CA LEU B 101 24.45 -10.14 15.37
C LEU B 101 24.18 -8.99 14.40
N VAL B 102 24.91 -9.00 13.30
CA VAL B 102 24.63 -8.12 12.17
C VAL B 102 23.87 -8.93 11.14
N PHE B 103 22.61 -8.55 10.89
CA PHE B 103 21.78 -9.28 9.95
C PHE B 103 21.96 -8.73 8.54
N ASP B 104 22.42 -9.58 7.64
CA ASP B 104 22.57 -9.21 6.24
C ASP B 104 21.30 -9.43 5.45
N THR B 105 20.31 -10.10 6.02
CA THR B 105 19.07 -10.45 5.34
C THR B 105 17.92 -10.29 6.30
N VAL B 106 16.78 -9.81 5.81
CA VAL B 106 15.54 -9.86 6.58
C VAL B 106 14.45 -10.41 5.68
N VAL B 107 13.68 -11.36 6.22
CA VAL B 107 12.43 -11.83 5.63
C VAL B 107 11.30 -11.29 6.50
N ASN B 108 10.56 -10.33 5.95
CA ASN B 108 9.42 -9.73 6.64
C ASN B 108 8.21 -10.60 6.41
N ASN B 109 7.91 -11.46 7.37
CA ASN B 109 6.78 -12.37 7.28
C ASN B 109 5.67 -12.05 8.28
N ALA B 110 5.98 -11.32 9.36
CA ALA B 110 4.95 -10.96 10.33
C ALA B 110 3.79 -10.23 9.66
N GLY B 111 2.58 -10.67 9.98
CA GLY B 111 1.39 -10.10 9.40
C GLY B 111 0.17 -10.58 10.14
N ILE B 112 -0.88 -9.78 10.11
CA ILE B 112 -2.16 -10.12 10.73
C ILE B 112 -3.28 -9.90 9.73
N SER B 113 -4.36 -10.66 9.91
CA SER B 113 -5.55 -10.55 9.08
C SER B 113 -6.77 -10.71 9.98
N PRO B 114 -7.08 -9.68 10.76
CA PRO B 114 -8.17 -9.80 11.76
C PRO B 114 -9.49 -10.18 11.12
N LYS B 115 -10.18 -11.10 11.78
CA LYS B 115 -11.55 -11.49 11.44
C LYS B 115 -12.35 -11.57 12.72
N HIS B 116 -13.66 -11.64 12.57
CA HIS B 116 -14.57 -11.66 13.70
C HIS B 116 -15.43 -12.91 13.60
N ASN B 117 -15.18 -13.86 14.49
CA ASN B 117 -15.81 -15.17 14.43
C ASN B 117 -15.71 -15.73 13.02
N GLY B 118 -14.53 -15.57 12.43
CA GLY B 118 -14.22 -16.16 11.14
C GLY B 118 -14.62 -15.35 9.93
N VAL B 119 -15.17 -14.15 10.11
CA VAL B 119 -15.65 -13.33 8.99
C VAL B 119 -14.96 -11.98 9.04
N ALA B 120 -14.40 -11.55 7.92
CA ALA B 120 -13.79 -10.24 7.83
C ALA B 120 -14.85 -9.15 7.83
N HIS B 121 -14.60 -8.08 8.58
CA HIS B 121 -15.49 -6.94 8.52
C HIS B 121 -15.35 -6.22 7.19
N LYS B 122 -16.48 -5.74 6.68
CA LYS B 122 -16.52 -4.89 5.48
CA LYS B 122 -16.54 -4.89 5.49
C LYS B 122 -16.13 -3.46 5.84
N VAL B 123 -15.77 -2.69 4.81
CA VAL B 123 -15.23 -1.35 5.06
C VAL B 123 -16.21 -0.49 5.85
N TRP B 124 -17.51 -0.62 5.58
CA TRP B 124 -18.48 0.30 6.19
C TRP B 124 -18.70 0.01 7.67
N GLU B 125 -18.23 -1.13 8.17
CA GLU B 125 -18.39 -1.50 9.57
C GLU B 125 -17.07 -1.63 10.30
N MET B 126 -15.97 -1.21 9.67
CA MET B 126 -14.63 -1.45 10.18
C MET B 126 -14.26 -0.43 11.25
N ALA B 127 -13.82 -0.90 12.40
CA ALA B 127 -13.30 0.01 13.42
C ALA B 127 -12.03 0.67 12.91
N PRO B 128 -11.92 2.00 12.95
CA PRO B 128 -10.65 2.62 12.55
C PRO B 128 -9.45 2.12 13.33
N ASP B 129 -9.59 1.79 14.62
CA ASP B 129 -8.45 1.26 15.38
CA ASP B 129 -8.40 1.31 15.31
C ASP B 129 -7.97 -0.07 14.82
N GLU B 130 -8.89 -0.88 14.30
CA GLU B 130 -8.50 -2.15 13.70
C GLU B 130 -7.73 -1.93 12.41
N TRP B 131 -8.24 -1.05 11.54
CA TRP B 131 -7.50 -0.62 10.36
C TRP B 131 -6.08 -0.17 10.73
N ARG B 132 -5.98 0.71 11.73
CA ARG B 132 -4.67 1.26 12.05
CA ARG B 132 -4.67 1.27 12.06
C ARG B 132 -3.71 0.19 12.58
N ARG B 133 -4.21 -0.76 13.37
CA ARG B 133 -3.32 -1.81 13.88
C ARG B 133 -2.79 -2.68 12.75
N VAL B 134 -3.64 -3.00 11.77
CA VAL B 134 -3.19 -3.82 10.65
C VAL B 134 -2.16 -3.07 9.82
N VAL B 135 -2.39 -1.78 9.57
CA VAL B 135 -1.38 -0.95 8.91
C VAL B 135 -0.08 -0.96 9.69
N ASP B 136 -0.17 -0.82 11.01
CA ASP B 136 1.03 -0.71 11.85
CA ASP B 136 1.05 -0.69 11.81
C ASP B 136 1.87 -1.98 11.77
N VAL B 137 1.22 -3.14 11.83
CA VAL B 137 1.95 -4.40 11.83
C VAL B 137 2.40 -4.79 10.43
N ASN B 138 1.45 -4.86 9.48
CA ASN B 138 1.73 -5.43 8.16
C ASN B 138 2.63 -4.53 7.33
N LEU B 139 2.40 -3.22 7.40
CA LEU B 139 3.13 -2.27 6.56
C LEU B 139 4.25 -1.61 7.36
N THR B 140 3.93 -0.91 8.44
CA THR B 140 4.98 -0.21 9.15
C THR B 140 5.95 -1.17 9.83
N GLY B 141 5.50 -2.35 10.25
CA GLY B 141 6.44 -3.33 10.80
C GLY B 141 7.47 -3.78 9.78
N THR B 142 7.05 -3.90 8.51
CA THR B 142 7.99 -4.22 7.44
C THR B 142 8.95 -3.06 7.15
N PHE B 143 8.45 -1.81 7.14
CA PHE B 143 9.36 -0.67 7.10
C PHE B 143 10.36 -0.70 8.25
N ASN B 144 9.89 -1.01 9.48
CA ASN B 144 10.74 -0.88 10.66
C ASN B 144 12.00 -1.73 10.55
N THR B 145 11.87 -2.99 10.12
CA THR B 145 13.07 -3.84 10.01
C THR B 145 14.01 -3.32 8.93
N ILE B 146 13.44 -2.84 7.83
CA ILE B 146 14.23 -2.35 6.72
C ILE B 146 14.97 -1.06 7.13
N ARG B 147 14.27 -0.17 7.84
CA ARG B 147 14.95 1.02 8.38
C ARG B 147 16.04 0.64 9.37
N ALA B 148 15.81 -0.39 10.19
CA ALA B 148 16.79 -0.78 11.19
C ALA B 148 18.05 -1.38 10.55
N LEU B 149 17.89 -2.11 9.45
CA LEU B 149 18.99 -2.91 8.90
C LEU B 149 19.65 -2.32 7.67
N THR B 150 18.98 -1.44 6.93
CA THR B 150 19.59 -0.95 5.69
C THR B 150 20.78 -0.02 5.91
N PRO B 151 20.92 0.72 7.03
CA PRO B 151 22.19 1.45 7.21
C PRO B 151 23.41 0.54 7.11
N GLY B 152 23.37 -0.61 7.78
CA GLY B 152 24.47 -1.55 7.69
C GLY B 152 24.60 -2.16 6.31
N MET B 153 23.46 -2.55 5.70
CA MET B 153 23.51 -3.14 4.37
C MET B 153 24.09 -2.18 3.35
N VAL B 154 23.67 -0.92 3.40
CA VAL B 154 24.19 0.09 2.47
C VAL B 154 25.69 0.27 2.68
N GLU B 155 26.11 0.41 3.95
CA GLU B 155 27.53 0.62 4.21
C GLU B 155 28.38 -0.56 3.74
N ALA B 156 27.85 -1.77 3.82
CA ALA B 156 28.54 -2.96 3.36
C ALA B 156 28.39 -3.18 1.86
N ARG B 157 27.48 -2.47 1.21
CA ARG B 157 27.09 -2.75 -0.17
C ARG B 157 26.76 -4.23 -0.33
N ARG B 158 25.93 -4.71 0.60
CA ARG B 158 25.58 -6.13 0.67
C ARG B 158 24.30 -6.27 1.48
N GLY B 159 23.32 -6.96 0.92
CA GLY B 159 22.12 -7.23 1.69
C GLY B 159 21.02 -7.84 0.84
N TRP B 160 20.08 -8.51 1.49
CA TRP B 160 18.94 -9.13 0.83
C TRP B 160 17.69 -8.87 1.66
N ILE B 161 16.60 -8.48 1.01
CA ILE B 161 15.33 -8.24 1.69
C ILE B 161 14.24 -9.02 0.96
N VAL B 162 13.40 -9.74 1.72
CA VAL B 162 12.21 -10.38 1.17
C VAL B 162 11.01 -9.92 1.99
N ASN B 163 10.03 -9.32 1.32
CA ASN B 163 8.81 -8.91 1.99
C ASN B 163 7.69 -9.89 1.65
N THR B 164 6.59 -9.82 2.40
CA THR B 164 5.45 -10.71 2.16
C THR B 164 4.22 -9.89 1.81
N SER B 165 3.76 -10.03 0.58
CA SER B 165 2.50 -9.47 0.11
C SER B 165 1.43 -10.55 0.21
N SER B 166 0.51 -10.60 -0.74
CA SER B 166 -0.53 -11.61 -0.80
C SER B 166 -1.21 -11.47 -2.15
N VAL B 167 -1.74 -12.58 -2.69
CA VAL B 167 -2.56 -12.43 -3.89
C VAL B 167 -3.69 -11.43 -3.65
N ALA B 168 -4.15 -11.31 -2.39
CA ALA B 168 -5.23 -10.38 -2.04
C ALA B 168 -4.81 -8.92 -2.14
N GLY B 169 -3.51 -8.64 -2.31
CA GLY B 169 -3.09 -7.27 -2.55
C GLY B 169 -3.17 -6.84 -4.00
N LYS B 170 -3.42 -7.80 -4.90
CA LYS B 170 -3.49 -7.53 -6.33
C LYS B 170 -4.87 -7.77 -6.92
N THR B 171 -5.72 -8.51 -6.22
CA THR B 171 -7.09 -8.76 -6.67
C THR B 171 -7.90 -9.09 -5.42
N TYR B 172 -9.22 -9.18 -5.59
CA TYR B 172 -10.11 -9.31 -4.44
C TYR B 172 -10.16 -10.75 -3.94
N SER B 173 -9.87 -10.92 -2.65
CA SER B 173 -10.18 -12.16 -1.95
C SER B 173 -11.29 -11.91 -0.95
N PRO B 174 -12.43 -12.61 -1.04
CA PRO B 174 -13.52 -12.38 -0.07
C PRO B 174 -13.20 -12.86 1.34
N ILE B 175 -12.04 -13.47 1.54
CA ILE B 175 -11.66 -13.97 2.86
CA ILE B 175 -11.67 -13.97 2.87
C ILE B 175 -11.09 -12.85 3.74
N VAL B 176 -10.54 -11.81 3.14
CA VAL B 176 -9.80 -10.81 3.91
C VAL B 176 -10.56 -9.49 3.95
N ALA B 177 -10.20 -8.66 4.93
CA ALA B 177 -10.75 -7.32 5.02
C ALA B 177 -9.88 -6.31 4.28
N CYS B 178 -10.38 -5.07 4.21
CA CYS B 178 -9.77 -4.08 3.34
C CYS B 178 -8.40 -3.62 3.85
N HIS B 179 -8.18 -3.64 5.17
CA HIS B 179 -6.87 -3.27 5.67
C HIS B 179 -5.81 -4.26 5.21
N TYR B 180 -6.13 -5.55 5.25
CA TYR B 180 -5.20 -6.54 4.74
C TYR B 180 -4.88 -6.31 3.28
N ALA B 181 -5.91 -6.12 2.45
CA ALA B 181 -5.69 -5.89 1.03
C ALA B 181 -4.81 -4.66 0.81
N ALA B 182 -5.11 -3.57 1.53
CA ALA B 182 -4.38 -2.33 1.34
C ALA B 182 -2.91 -2.48 1.74
N THR B 183 -2.65 -3.12 2.89
CA THR B 183 -1.27 -3.26 3.34
C THR B 183 -0.49 -4.20 2.43
N LYS B 184 -1.12 -5.28 1.96
CA LYS B 184 -0.39 -6.20 1.09
C LYS B 184 -0.18 -5.57 -0.28
N SER B 185 -1.10 -4.72 -0.73
CA SER B 185 -0.87 -3.93 -1.94
C SER B 185 0.30 -2.98 -1.77
N ALA B 186 0.40 -2.34 -0.59
CA ALA B 186 1.49 -1.40 -0.32
C ALA B 186 2.85 -2.06 -0.51
N ILE B 187 2.96 -3.33 -0.11
CA ILE B 187 4.25 -4.03 -0.16
C ILE B 187 4.79 -4.12 -1.57
N ILE B 188 3.91 -4.24 -2.57
CA ILE B 188 4.35 -4.45 -3.95
C ILE B 188 5.13 -3.24 -4.46
N GLY B 189 4.53 -2.04 -4.37
CA GLY B 189 5.23 -0.85 -4.83
C GLY B 189 6.34 -0.40 -3.90
N PHE B 190 6.18 -0.66 -2.60
CA PHE B 190 7.26 -0.43 -1.64
C PHE B 190 8.49 -1.24 -2.04
N THR B 191 8.28 -2.49 -2.43
CA THR B 191 9.38 -3.36 -2.82
C THR B 191 10.08 -2.86 -4.08
N LYS B 192 9.34 -2.41 -5.08
CA LYS B 192 9.96 -1.83 -6.27
C LYS B 192 10.77 -0.59 -5.93
N HIS B 193 10.19 0.29 -5.12
CA HIS B 193 10.88 1.52 -4.75
C HIS B 193 12.18 1.21 -4.00
N LEU B 194 12.12 0.32 -3.01
CA LEU B 194 13.31 -0.08 -2.28
C LEU B 194 14.36 -0.67 -3.20
N ALA B 195 13.93 -1.52 -4.14
CA ALA B 195 14.88 -2.13 -5.07
C ALA B 195 15.67 -1.07 -5.82
N ALA B 196 15.01 0.02 -6.19
CA ALA B 196 15.69 1.07 -6.92
C ALA B 196 16.61 1.89 -6.02
N GLU B 197 16.17 2.20 -4.79
CA GLU B 197 17.00 2.97 -3.88
C GLU B 197 18.23 2.20 -3.46
N LEU B 198 18.08 0.89 -3.25
CA LEU B 198 19.14 0.08 -2.67
C LEU B 198 20.00 -0.62 -3.72
N GLY B 199 19.52 -0.73 -4.97
CA GLY B 199 20.28 -1.36 -6.03
C GLY B 199 21.68 -0.85 -6.26
N PRO B 200 21.93 0.46 -6.19
CA PRO B 200 23.30 0.96 -6.40
C PRO B 200 24.28 0.41 -5.40
N TYR B 201 23.79 -0.11 -4.27
CA TYR B 201 24.63 -0.70 -3.25
C TYR B 201 24.59 -2.22 -3.29
N SER B 202 24.11 -2.79 -4.41
CA SER B 202 24.10 -4.21 -4.69
CA SER B 202 24.09 -4.22 -4.70
C SER B 202 23.15 -4.99 -3.79
N ILE B 203 22.22 -4.30 -3.15
CA ILE B 203 21.21 -4.91 -2.27
C ILE B 203 19.99 -5.25 -3.12
N ARG B 204 19.48 -6.47 -2.98
CA ARG B 204 18.28 -6.89 -3.71
C ARG B 204 17.08 -6.95 -2.78
N VAL B 205 15.91 -6.61 -3.33
CA VAL B 205 14.68 -6.48 -2.55
C VAL B 205 13.55 -7.10 -3.36
N ASN B 206 12.92 -8.15 -2.83
CA ASN B 206 11.83 -8.83 -3.53
C ASN B 206 10.70 -9.13 -2.55
N ALA B 207 9.59 -9.61 -3.08
CA ALA B 207 8.45 -9.94 -2.23
C ALA B 207 7.83 -11.25 -2.71
N MET B 208 7.16 -11.93 -1.78
CA MET B 208 6.39 -13.12 -2.08
C MET B 208 4.92 -12.80 -1.87
N ALA B 209 4.05 -13.32 -2.73
CA ALA B 209 2.61 -13.13 -2.59
C ALA B 209 1.94 -14.49 -2.47
N PRO B 210 1.87 -15.05 -1.27
CA PRO B 210 1.24 -16.37 -1.12
C PRO B 210 -0.25 -16.33 -1.44
N GLY B 211 -0.76 -17.49 -1.84
CA GLY B 211 -2.17 -17.66 -2.08
C GLY B 211 -2.90 -18.16 -0.86
N ARG B 212 -3.13 -19.47 -0.78
CA ARG B 212 -3.75 -20.08 0.39
C ARG B 212 -2.82 -21.19 0.87
N ILE B 213 -2.19 -20.97 2.03
CA ILE B 213 -1.16 -21.84 2.57
C ILE B 213 -1.70 -22.49 3.83
N ALA B 214 -1.48 -23.80 3.94
CA ALA B 214 -1.93 -24.52 5.12
C ALA B 214 -1.17 -24.05 6.37
N THR B 215 -1.68 -22.99 7.05
CA THR B 215 -1.10 -22.41 8.27
C THR B 215 -2.19 -22.26 9.33
N PRO B 216 -1.87 -21.79 10.55
CA PRO B 216 -2.94 -21.44 11.49
C PRO B 216 -3.95 -20.43 10.94
N PRO B 223 -13.63 -24.74 7.40
CA PRO B 223 -13.20 -25.76 6.44
C PRO B 223 -13.89 -25.61 5.07
N GLU B 224 -15.18 -25.26 5.08
CA GLU B 224 -15.87 -25.00 3.82
C GLU B 224 -15.24 -23.84 3.08
N VAL B 225 -14.67 -22.88 3.81
CA VAL B 225 -13.99 -21.75 3.16
C VAL B 225 -12.73 -22.21 2.47
N ASN B 226 -11.96 -23.10 3.11
CA ASN B 226 -10.73 -23.60 2.49
C ASN B 226 -11.04 -24.53 1.32
N ALA B 227 -12.12 -25.31 1.41
CA ALA B 227 -12.53 -26.13 0.28
C ALA B 227 -12.86 -25.27 -0.94
N GLU B 228 -13.55 -24.15 -0.73
CA GLU B 228 -13.83 -23.25 -1.84
C GLU B 228 -12.55 -22.64 -2.41
N GLN B 229 -11.58 -22.36 -1.54
CA GLN B 229 -10.30 -21.83 -2.03
C GLN B 229 -9.56 -22.87 -2.84
N VAL B 230 -9.62 -24.15 -2.43
CA VAL B 230 -8.98 -25.20 -3.23
C VAL B 230 -9.66 -25.33 -4.58
N LYS B 231 -11.00 -25.23 -4.60
CA LYS B 231 -11.73 -25.29 -5.86
C LYS B 231 -11.31 -24.18 -6.82
N LEU B 232 -10.90 -23.03 -6.28
CA LEU B 232 -10.45 -21.91 -7.08
C LEU B 232 -8.96 -21.99 -7.45
N THR B 233 -8.25 -23.03 -7.00
CA THR B 233 -6.81 -23.16 -7.23
C THR B 233 -6.57 -24.15 -8.35
N PRO B 234 -6.01 -23.73 -9.49
CA PRO B 234 -5.75 -24.69 -10.58
C PRO B 234 -4.99 -25.94 -10.13
N MET B 235 -3.95 -25.78 -9.31
CA MET B 235 -3.20 -26.97 -8.90
C MET B 235 -3.93 -27.80 -7.86
N ALA B 236 -5.11 -27.36 -7.40
CA ALA B 236 -6.09 -28.21 -6.72
C ALA B 236 -5.61 -28.66 -5.34
N ARG B 237 -4.90 -27.77 -4.64
CA ARG B 237 -4.49 -28.06 -3.27
C ARG B 237 -4.09 -26.75 -2.61
N LEU B 238 -4.00 -26.80 -1.29
CA LEU B 238 -3.37 -25.71 -0.55
C LEU B 238 -1.87 -25.78 -0.72
N GLY B 239 -1.22 -24.62 -0.60
CA GLY B 239 0.23 -24.61 -0.55
C GLY B 239 0.74 -25.05 0.81
N GLN B 240 1.95 -25.61 0.81
CA GLN B 240 2.58 -25.97 2.07
C GLN B 240 3.54 -24.87 2.52
N PRO B 241 3.63 -24.61 3.82
CA PRO B 241 4.55 -23.55 4.29
C PRO B 241 5.97 -23.71 3.77
N ALA B 242 6.46 -24.95 3.67
CA ALA B 242 7.81 -25.18 3.15
C ALA B 242 7.97 -24.70 1.72
N GLU B 243 6.89 -24.67 0.93
CA GLU B 243 6.99 -24.19 -0.44
C GLU B 243 7.15 -22.68 -0.49
N VAL B 244 6.53 -21.95 0.44
CA VAL B 244 6.84 -20.53 0.55
C VAL B 244 8.28 -20.35 1.00
N ALA B 245 8.73 -21.17 1.94
CA ALA B 245 10.10 -21.07 2.44
C ALA B 245 11.11 -21.27 1.32
N ASP B 246 10.82 -22.18 0.37
CA ASP B 246 11.74 -22.41 -0.76
C ASP B 246 11.92 -21.15 -1.59
N VAL B 247 10.85 -20.37 -1.73
CA VAL B 247 10.93 -19.13 -2.50
C VAL B 247 11.78 -18.10 -1.77
N ALA B 248 11.60 -18.00 -0.45
CA ALA B 248 12.41 -17.07 0.34
C ALA B 248 13.88 -17.45 0.30
N LEU B 249 14.17 -18.76 0.36
CA LEU B 249 15.56 -19.21 0.20
C LEU B 249 16.12 -18.77 -1.14
N TRP B 250 15.37 -19.00 -2.22
CA TRP B 250 15.88 -18.68 -3.55
C TRP B 250 16.11 -17.19 -3.73
N LEU B 251 15.15 -16.36 -3.28
CA LEU B 251 15.24 -14.91 -3.43
C LEU B 251 16.36 -14.30 -2.61
N THR B 252 16.89 -15.01 -1.62
CA THR B 252 18.02 -14.53 -0.85
C THR B 252 19.31 -15.26 -1.22
N SER B 253 19.30 -16.04 -2.29
CA SER B 253 20.46 -16.84 -2.67
C SER B 253 21.18 -16.24 -3.86
N THR B 254 22.41 -16.73 -4.07
CA THR B 254 23.20 -16.29 -5.23
C THR B 254 22.59 -16.69 -6.55
N GLU B 255 21.58 -17.58 -6.56
CA GLU B 255 20.98 -18.02 -7.80
C GLU B 255 19.78 -17.17 -8.23
N SER B 256 19.54 -16.05 -7.55
CA SER B 256 18.64 -15.00 -8.03
C SER B 256 19.37 -13.67 -8.13
N SER B 257 20.66 -13.72 -8.50
CA SER B 257 21.55 -12.58 -8.33
C SER B 257 21.18 -11.36 -9.17
N PHE B 258 20.36 -11.49 -10.22
CA PHE B 258 19.95 -10.30 -10.97
C PHE B 258 18.46 -10.01 -10.83
N VAL B 259 17.80 -10.63 -9.83
CA VAL B 259 16.36 -10.51 -9.63
C VAL B 259 16.11 -9.54 -8.48
N THR B 260 15.42 -8.43 -8.77
CA THR B 260 15.12 -7.47 -7.73
C THR B 260 13.87 -6.69 -8.09
N GLY B 261 13.15 -6.23 -7.05
CA GLY B 261 11.91 -5.50 -7.22
C GLY B 261 10.69 -6.34 -7.52
N GLN B 262 10.82 -7.66 -7.53
CA GLN B 262 9.76 -8.55 -8.01
C GLN B 262 8.85 -9.01 -6.88
N THR B 263 7.57 -9.18 -7.22
CA THR B 263 6.61 -9.84 -6.32
C THR B 263 6.21 -11.15 -6.99
N VAL B 264 6.60 -12.27 -6.38
CA VAL B 264 6.37 -13.60 -6.95
C VAL B 264 5.23 -14.25 -6.18
N ASP B 265 4.12 -14.55 -6.86
CA ASP B 265 3.03 -15.26 -6.19
C ASP B 265 3.45 -16.69 -5.88
N VAL B 266 3.04 -17.20 -4.71
CA VAL B 266 3.26 -18.58 -4.33
C VAL B 266 1.89 -19.16 -4.04
N ALA B 267 1.16 -19.55 -5.10
CA ALA B 267 -0.29 -19.66 -5.00
C ALA B 267 -0.91 -20.78 -5.83
N GLY B 268 -0.12 -21.55 -6.59
CA GLY B 268 -0.69 -22.66 -7.35
C GLY B 268 -1.71 -22.25 -8.38
N GLY B 269 -1.69 -20.99 -8.81
CA GLY B 269 -2.64 -20.48 -9.78
C GLY B 269 -3.83 -19.76 -9.20
N LEU B 270 -3.96 -19.70 -7.88
CA LEU B 270 -5.09 -19.03 -7.23
C LEU B 270 -4.96 -17.52 -7.38
N TYR B 271 -6.02 -16.87 -7.87
CA TYR B 271 -6.14 -15.41 -7.90
C TYR B 271 -4.93 -14.77 -8.60
N MET B 272 -4.64 -15.25 -9.81
CA MET B 272 -3.52 -14.70 -10.58
C MET B 272 -3.85 -13.29 -11.05
N ALA B 273 -2.91 -12.37 -10.83
CA ALA B 273 -3.07 -10.99 -11.26
C ALA B 273 -1.70 -10.33 -11.40
#